data_7EWH
#
_entry.id   7EWH
#
_cell.length_a   43.165
_cell.length_b   120.639
_cell.length_c   59.480
_cell.angle_alpha   90.000
_cell.angle_beta   100.720
_cell.angle_gamma   90.000
#
_symmetry.space_group_name_H-M   'P 1 21 1'
#
loop_
_entity.id
_entity.type
_entity.pdbx_description
1 polymer 'D-3-phosphoglycerate dehydrogenase'
2 non-polymer (3beta)-O~3~-[(2R)-2,6-dihydroxy-2-(2-methoxy-2-oxoethyl)-6-methylheptanoyl]cephalotaxine
3 water water
#
_entity_poly.entity_id   1
_entity_poly.type   'polypeptide(L)'
_entity_poly.pdbx_seq_one_letter_code
;LRKVLISDSLDPCCRKILQDGGLQVVEKQNLSKEELIAELQDCEGLIVRSATKVTADVINAAEKLQVVGRAGTGVDNVDL
EAATRKGILVMNTPNGNSLSAAELTCGMIMCLARQIPQATASMKDGKWERKKFMGTELNGKTLGILGLGRIGREVATRMQ
SFGMKTIGYDPIISPEVSASFGVQQLPLEEIWPLCDFITVHTPLLPSTTGLLNDNTFAQCKKGVRVVNCARGGIVDEGAL
LRALQSGQCAGAALDVFTEEPPRDRALVDHENVISCPHLGASTKEAQSRCGEEIAVQFVDMV
;
_entity_poly.pdbx_strand_id   A,B
#
loop_
_chem_comp.id
_chem_comp.type
_chem_comp.name
_chem_comp.formula
HMT non-polymer (3beta)-O~3~-[(2R)-2,6-dihydroxy-2-(2-methoxy-2-oxoethyl)-6-methylheptanoyl]cephalotaxine 'C29 H39 N O9'
#
# COMPACT_ATOMS: atom_id res chain seq x y z
N LEU A 1 -3.31 42.93 -16.35
CA LEU A 1 -3.81 41.55 -16.32
C LEU A 1 -4.82 41.39 -15.20
N ARG A 2 -6.09 41.18 -15.56
CA ARG A 2 -7.09 40.90 -14.53
C ARG A 2 -8.23 40.12 -15.15
N LYS A 3 -7.92 39.36 -16.20
CA LYS A 3 -8.91 38.49 -16.81
C LYS A 3 -8.23 37.17 -17.12
N VAL A 4 -8.89 36.06 -16.77
CA VAL A 4 -8.25 34.75 -16.65
C VAL A 4 -9.28 33.69 -17.08
N LEU A 5 -8.77 32.50 -17.42
CA LEU A 5 -9.58 31.30 -17.63
C LEU A 5 -8.82 30.10 -17.06
N ILE A 6 -9.55 29.15 -16.47
CA ILE A 6 -9.03 27.83 -16.14
C ILE A 6 -9.54 26.81 -17.16
N SER A 7 -8.74 26.46 -18.14
CA SER A 7 -9.10 25.61 -19.27
C SER A 7 -9.25 24.20 -18.89
N ASP A 8 -9.49 23.94 -17.62
CA ASP A 8 -9.40 22.59 -17.11
C ASP A 8 -10.37 22.44 -15.95
N SER A 9 -10.52 21.18 -15.53
CA SER A 9 -11.30 20.86 -14.36
C SER A 9 -10.67 21.56 -13.17
N LEU A 10 -11.48 22.31 -12.42
CA LEU A 10 -10.90 23.15 -11.39
C LEU A 10 -11.83 23.24 -10.20
N ASP A 11 -11.29 22.90 -9.04
CA ASP A 11 -11.98 23.17 -7.80
C ASP A 11 -12.08 24.68 -7.66
N PRO A 12 -13.29 25.25 -7.58
CA PRO A 12 -13.41 26.70 -7.43
C PRO A 12 -12.57 27.26 -6.29
N CYS A 13 -12.02 26.39 -5.41
CA CYS A 13 -10.92 26.73 -4.51
C CYS A 13 -9.95 27.75 -5.09
N CYS A 14 -9.52 27.51 -6.32
CA CYS A 14 -8.74 28.47 -7.10
C CYS A 14 -9.49 29.78 -7.33
N ARG A 15 -10.65 29.71 -8.00
CA ARG A 15 -11.32 30.92 -8.48
C ARG A 15 -11.70 31.86 -7.35
N LYS A 16 -12.09 31.32 -6.20
CA LYS A 16 -12.51 32.17 -5.09
C LYS A 16 -11.36 33.00 -4.58
N ILE A 17 -10.18 32.38 -4.38
CA ILE A 17 -9.01 33.15 -3.97
C ILE A 17 -8.60 34.09 -5.08
N LEU A 18 -8.88 33.70 -6.33
CA LEU A 18 -8.58 34.54 -7.49
C LEU A 18 -9.37 35.85 -7.48
N GLN A 19 -10.60 35.82 -6.95
CA GLN A 19 -11.49 36.91 -7.29
C GLN A 19 -11.19 38.20 -6.53
N ASP A 20 -11.25 38.22 -5.19
CA ASP A 20 -10.93 39.51 -4.59
C ASP A 20 -9.46 39.68 -4.26
N GLY A 21 -8.60 39.28 -5.18
CA GLY A 21 -7.30 39.89 -5.24
C GLY A 21 -7.41 40.80 -6.44
N GLY A 22 -8.45 40.57 -7.24
CA GLY A 22 -8.85 41.49 -8.30
C GLY A 22 -9.13 40.96 -9.68
N LEU A 23 -9.63 39.72 -9.83
CA LEU A 23 -9.58 39.01 -11.11
C LEU A 23 -10.81 38.12 -11.31
N GLN A 24 -11.57 38.36 -12.39
CA GLN A 24 -12.75 37.59 -12.76
C GLN A 24 -12.42 36.65 -13.92
N VAL A 25 -13.17 35.53 -14.01
CA VAL A 25 -12.78 34.38 -14.83
C VAL A 25 -14.03 33.50 -15.04
N VAL A 26 -13.97 32.64 -16.06
CA VAL A 26 -15.14 31.84 -16.45
C VAL A 26 -14.83 30.34 -16.33
N GLU A 27 -15.90 29.57 -16.14
CA GLU A 27 -15.91 28.23 -15.57
C GLU A 27 -15.91 27.10 -16.61
N LYS A 28 -15.18 27.19 -17.71
CA LYS A 28 -15.34 26.14 -18.70
C LYS A 28 -14.08 25.29 -18.80
N GLN A 29 -14.19 24.18 -19.55
CA GLN A 29 -13.34 23.01 -19.42
C GLN A 29 -13.49 22.13 -20.64
N ASN A 30 -14.72 21.73 -20.91
CA ASN A 30 -15.21 20.77 -21.91
C ASN A 30 -14.49 20.74 -23.25
N LEU A 31 -13.35 21.42 -23.35
CA LEU A 31 -13.08 22.28 -24.50
C LEU A 31 -12.46 21.51 -25.65
N SER A 32 -12.67 22.07 -26.84
CA SER A 32 -11.98 21.70 -28.07
C SER A 32 -10.48 22.02 -27.99
N LYS A 33 -9.81 21.94 -29.14
CA LYS A 33 -8.37 22.20 -29.24
C LYS A 33 -8.11 23.63 -29.68
N GLU A 34 -8.84 24.10 -30.69
CA GLU A 34 -8.60 25.39 -31.32
C GLU A 34 -9.87 26.24 -31.21
N GLU A 35 -10.30 26.52 -29.98
CA GLU A 35 -11.56 27.24 -29.83
C GLU A 35 -11.54 28.08 -28.57
N LEU A 36 -10.60 27.78 -27.68
CA LEU A 36 -10.42 28.61 -26.51
C LEU A 36 -9.57 29.83 -26.80
N ILE A 37 -9.34 30.11 -28.10
CA ILE A 37 -8.83 31.42 -28.49
C ILE A 37 -9.96 32.42 -28.59
N ALA A 38 -11.21 31.95 -28.66
CA ALA A 38 -12.33 32.87 -28.53
C ALA A 38 -12.47 33.26 -27.07
N GLU A 39 -12.55 32.27 -26.19
CA GLU A 39 -12.58 32.54 -24.76
C GLU A 39 -11.32 33.25 -24.28
N LEU A 40 -10.21 33.14 -25.01
CA LEU A 40 -8.94 33.70 -24.55
C LEU A 40 -8.27 34.65 -25.53
N GLN A 41 -9.00 35.15 -26.53
CA GLN A 41 -8.54 36.35 -27.22
C GLN A 41 -8.98 37.62 -26.52
N ASP A 42 -9.88 37.52 -25.54
CA ASP A 42 -10.36 38.70 -24.83
C ASP A 42 -10.01 38.67 -23.35
N CYS A 43 -9.26 37.66 -22.88
CA CYS A 43 -8.69 37.61 -21.55
C CYS A 43 -7.25 37.15 -21.59
N GLU A 44 -6.55 37.40 -20.47
CA GLU A 44 -5.09 37.51 -20.42
C GLU A 44 -4.38 36.37 -19.69
N GLY A 45 -4.96 35.78 -18.65
CA GLY A 45 -4.29 34.74 -17.90
C GLY A 45 -4.89 33.37 -18.20
N LEU A 46 -4.24 32.34 -17.64
CA LEU A 46 -4.69 30.99 -17.90
C LEU A 46 -4.09 30.02 -16.89
N ILE A 47 -4.88 29.01 -16.55
CA ILE A 47 -4.55 28.00 -15.54
C ILE A 47 -4.96 26.65 -16.11
N VAL A 48 -3.99 25.81 -16.43
CA VAL A 48 -4.31 24.51 -16.98
C VAL A 48 -3.76 23.48 -16.01
N ARG A 49 -4.09 22.20 -16.23
CA ARG A 49 -3.35 21.16 -15.53
C ARG A 49 -2.92 20.02 -16.43
N SER A 50 -3.88 19.49 -17.20
CA SER A 50 -3.69 18.26 -17.97
C SER A 50 -4.49 18.27 -19.25
N ALA A 51 -5.81 18.34 -19.10
CA ALA A 51 -6.72 18.38 -20.24
C ALA A 51 -6.37 19.53 -21.17
N THR A 52 -6.46 19.27 -22.47
CA THR A 52 -6.24 20.25 -23.52
C THR A 52 -5.01 21.10 -23.17
N LYS A 53 -3.85 20.48 -23.32
CA LYS A 53 -2.57 21.10 -23.05
C LYS A 53 -2.35 22.40 -23.83
N VAL A 54 -1.70 23.36 -23.17
CA VAL A 54 -1.35 24.66 -23.76
C VAL A 54 -0.27 24.40 -24.79
N THR A 55 -0.62 24.59 -26.07
CA THR A 55 0.25 24.20 -27.15
C THR A 55 1.54 25.02 -27.19
N ALA A 56 2.33 24.77 -28.24
CA ALA A 56 3.42 25.67 -28.57
C ALA A 56 2.89 26.95 -29.22
N ASP A 57 1.81 26.83 -30.02
CA ASP A 57 1.27 27.90 -30.85
C ASP A 57 0.08 28.60 -30.24
N VAL A 58 -0.60 28.00 -29.24
CA VAL A 58 -1.75 28.64 -28.61
C VAL A 58 -1.13 29.69 -27.72
N ILE A 59 0.19 29.84 -27.87
CA ILE A 59 0.86 31.08 -27.49
C ILE A 59 0.97 32.04 -28.68
N ASN A 60 0.95 31.54 -29.91
CA ASN A 60 1.02 32.44 -31.07
C ASN A 60 -0.32 32.89 -31.62
N ALA A 61 -1.39 32.12 -31.42
CA ALA A 61 -2.70 32.50 -31.93
C ALA A 61 -3.57 33.21 -30.90
N ALA A 62 -3.20 33.12 -29.62
CA ALA A 62 -3.81 33.90 -28.55
C ALA A 62 -2.88 35.08 -28.26
N GLU A 63 -3.06 36.13 -29.05
CA GLU A 63 -2.15 37.29 -29.02
C GLU A 63 -2.31 38.14 -27.77
N LYS A 64 -3.17 37.75 -26.85
CA LYS A 64 -3.25 38.40 -25.53
C LYS A 64 -2.30 37.79 -24.51
N LEU A 65 -2.51 36.52 -24.16
CA LEU A 65 -2.05 35.97 -22.88
C LEU A 65 -0.56 36.12 -22.69
N GLN A 66 -0.13 36.20 -21.42
CA GLN A 66 1.24 36.54 -21.08
C GLN A 66 1.78 35.76 -19.87
N VAL A 67 0.95 35.14 -19.03
CA VAL A 67 1.50 34.31 -17.98
C VAL A 67 0.54 33.11 -17.90
N VAL A 68 1.03 31.96 -17.43
CA VAL A 68 0.24 30.73 -17.36
C VAL A 68 0.52 30.04 -16.03
N GLY A 69 -0.16 28.91 -15.80
CA GLY A 69 -0.05 28.22 -14.52
C GLY A 69 -0.68 26.85 -14.44
N ARG A 70 0.02 25.87 -13.87
CA ARG A 70 -0.46 24.50 -13.83
C ARG A 70 -0.53 23.96 -12.42
N ALA A 71 -1.66 23.32 -12.11
CA ALA A 71 -1.87 22.59 -10.87
C ALA A 71 -1.18 21.23 -11.01
N GLY A 72 0.08 21.15 -10.58
CA GLY A 72 0.77 19.88 -10.58
C GLY A 72 2.28 20.07 -10.63
N THR A 73 2.97 18.96 -10.35
CA THR A 73 4.42 18.87 -10.53
C THR A 73 4.80 19.00 -11.99
N GLY A 74 5.83 19.80 -12.26
CA GLY A 74 6.39 19.85 -13.59
C GLY A 74 5.38 20.48 -14.54
N VAL A 75 5.70 20.43 -15.82
CA VAL A 75 4.69 20.75 -16.83
C VAL A 75 4.80 19.77 -18.00
N ASP A 76 3.83 18.86 -18.06
CA ASP A 76 3.74 17.85 -19.10
C ASP A 76 2.76 18.28 -20.19
N ASN A 77 2.65 19.58 -20.43
CA ASN A 77 1.60 20.08 -21.32
C ASN A 77 1.90 21.42 -21.98
N VAL A 78 3.04 22.04 -21.68
CA VAL A 78 3.42 23.33 -22.26
C VAL A 78 4.75 23.17 -23.01
N ASP A 79 4.81 23.66 -24.23
CA ASP A 79 6.08 23.78 -24.94
C ASP A 79 6.82 24.98 -24.40
N LEU A 80 7.81 24.76 -23.54
CA LEU A 80 8.36 25.86 -22.78
C LEU A 80 9.34 26.69 -23.59
N GLU A 81 9.97 26.15 -24.63
CA GLU A 81 10.81 26.99 -25.48
C GLU A 81 9.98 27.99 -26.30
N ALA A 82 8.85 27.52 -26.83
CA ALA A 82 7.92 28.40 -27.54
C ALA A 82 7.13 29.28 -26.57
N ALA A 83 7.40 29.13 -25.28
CA ALA A 83 6.95 30.08 -24.28
C ALA A 83 8.03 31.11 -24.01
N THR A 84 9.26 30.65 -23.75
CA THR A 84 10.28 31.54 -23.22
C THR A 84 10.67 32.57 -24.25
N ARG A 85 10.81 32.15 -25.48
CA ARG A 85 11.43 33.15 -26.29
C ARG A 85 10.45 34.14 -26.93
N LYS A 86 9.16 34.01 -26.67
CA LYS A 86 8.23 35.09 -26.95
C LYS A 86 8.02 35.94 -25.71
N GLY A 87 8.79 35.67 -24.66
CA GLY A 87 8.76 36.42 -23.42
C GLY A 87 7.70 36.01 -22.42
N ILE A 88 7.29 34.75 -22.44
CA ILE A 88 6.31 34.20 -21.52
C ILE A 88 7.08 33.19 -20.66
N LEU A 89 6.85 33.23 -19.34
CA LEU A 89 7.42 32.20 -18.47
C LEU A 89 6.35 31.70 -17.51
N VAL A 90 6.64 30.56 -16.88
CA VAL A 90 5.61 29.72 -16.26
C VAL A 90 5.80 29.62 -14.75
N MET A 91 4.77 30.01 -14.01
CA MET A 91 4.64 29.63 -12.61
C MET A 91 3.89 28.31 -12.54
N ASN A 92 4.43 27.35 -11.80
CA ASN A 92 3.73 26.08 -11.62
C ASN A 92 3.59 25.79 -10.14
N THR A 93 3.22 24.54 -9.80
CA THR A 93 2.81 24.14 -8.46
C THR A 93 3.74 23.05 -7.93
N PRO A 94 4.95 23.43 -7.51
CA PRO A 94 5.93 22.42 -7.11
C PRO A 94 5.74 21.88 -5.70
N ASN A 95 4.88 22.50 -4.90
CA ASN A 95 4.75 22.15 -3.48
C ASN A 95 3.52 21.29 -3.16
N GLY A 96 2.47 21.34 -3.96
CA GLY A 96 1.21 20.75 -3.55
C GLY A 96 1.20 19.23 -3.57
N ASN A 97 1.88 18.61 -4.55
CA ASN A 97 1.79 17.16 -4.74
C ASN A 97 2.81 16.34 -3.94
N SER A 98 3.86 16.97 -3.42
CA SER A 98 4.95 16.26 -2.75
C SER A 98 4.43 15.24 -1.76
N LEU A 99 3.45 15.62 -0.95
CA LEU A 99 2.99 14.73 0.12
C LEU A 99 2.10 13.61 -0.40
N SER A 100 1.30 13.86 -1.45
CA SER A 100 0.35 12.84 -1.90
C SER A 100 0.97 11.90 -2.94
N ALA A 101 1.98 12.35 -3.66
CA ALA A 101 2.80 11.43 -4.42
C ALA A 101 3.76 10.66 -3.51
N ALA A 102 4.29 11.29 -2.47
CA ALA A 102 5.11 10.55 -1.53
C ALA A 102 4.33 9.40 -0.92
N GLU A 103 3.10 9.70 -0.48
CA GLU A 103 2.23 8.66 0.09
C GLU A 103 1.91 7.59 -0.93
N LEU A 104 1.56 7.99 -2.17
CA LEU A 104 1.25 6.97 -3.17
C LEU A 104 2.44 6.07 -3.40
N THR A 105 3.63 6.65 -3.50
CA THR A 105 4.80 5.81 -3.72
C THR A 105 5.00 4.81 -2.59
N CYS A 106 4.83 5.24 -1.34
CA CYS A 106 5.00 4.28 -0.26
C CYS A 106 3.96 3.18 -0.33
N GLY A 107 2.75 3.51 -0.78
CA GLY A 107 1.76 2.46 -0.99
C GLY A 107 2.19 1.46 -2.04
N MET A 108 2.82 1.95 -3.10
CA MET A 108 3.20 1.06 -4.20
C MET A 108 4.36 0.17 -3.80
N ILE A 109 5.25 0.69 -2.92
CA ILE A 109 6.28 -0.16 -2.34
C ILE A 109 5.63 -1.31 -1.59
N MET A 110 4.62 -0.99 -0.77
CA MET A 110 4.02 -2.05 0.04
C MET A 110 3.33 -3.10 -0.80
N CYS A 111 2.68 -2.66 -1.89
CA CYS A 111 1.99 -3.61 -2.77
C CYS A 111 2.97 -4.48 -3.54
N LEU A 112 4.06 -3.88 -4.03
CA LEU A 112 5.10 -4.71 -4.61
C LEU A 112 5.56 -5.77 -3.62
N ALA A 113 5.71 -5.38 -2.36
CA ALA A 113 6.19 -6.32 -1.36
C ALA A 113 5.22 -7.47 -1.21
N ARG A 114 3.97 -7.16 -0.93
CA ARG A 114 3.06 -8.19 -0.48
C ARG A 114 1.96 -8.46 -1.49
N GLN A 115 2.00 -7.84 -2.65
CA GLN A 115 1.16 -8.21 -3.79
C GLN A 115 -0.33 -8.01 -3.49
N ILE A 116 -0.67 -6.85 -2.95
CA ILE A 116 -2.08 -6.60 -2.55
C ILE A 116 -3.02 -6.53 -3.76
N PRO A 117 -2.69 -5.80 -4.84
CA PRO A 117 -3.59 -5.83 -6.02
C PRO A 117 -3.64 -7.21 -6.69
N GLN A 118 -2.47 -7.83 -6.83
CA GLN A 118 -2.37 -9.14 -7.45
C GLN A 118 -3.21 -10.17 -6.68
N ALA A 119 -3.23 -10.07 -5.35
CA ALA A 119 -4.04 -10.94 -4.50
C ALA A 119 -5.53 -10.58 -4.59
N THR A 120 -5.84 -9.29 -4.75
CA THR A 120 -7.26 -8.93 -4.71
C THR A 120 -7.97 -9.32 -5.99
N ALA A 121 -7.28 -9.20 -7.12
CA ALA A 121 -7.89 -9.53 -8.40
C ALA A 121 -8.25 -11.01 -8.51
N SER A 122 -7.64 -11.86 -7.72
CA SER A 122 -8.07 -13.24 -7.74
C SER A 122 -8.96 -13.59 -6.57
N MET A 123 -8.97 -12.77 -5.53
CA MET A 123 -10.11 -12.85 -4.63
C MET A 123 -11.39 -12.51 -5.38
N LYS A 124 -11.38 -11.44 -6.19
CA LYS A 124 -12.55 -11.04 -6.97
C LYS A 124 -12.86 -12.05 -8.05
N ASP A 125 -11.87 -12.80 -8.49
CA ASP A 125 -12.18 -13.93 -9.34
C ASP A 125 -12.48 -15.18 -8.55
N GLY A 126 -12.53 -15.08 -7.24
CA GLY A 126 -12.89 -16.21 -6.43
C GLY A 126 -11.87 -17.31 -6.48
N LYS A 127 -10.64 -16.98 -6.16
CA LYS A 127 -9.65 -18.02 -5.97
C LYS A 127 -8.84 -17.65 -4.75
N TRP A 128 -8.62 -18.66 -3.93
CA TRP A 128 -7.93 -18.54 -2.66
C TRP A 128 -6.50 -19.02 -2.91
N GLU A 129 -5.68 -18.11 -3.45
CA GLU A 129 -4.34 -18.46 -3.89
C GLU A 129 -3.35 -18.01 -2.84
N ARG A 130 -3.39 -18.75 -1.73
CA ARG A 130 -2.66 -18.36 -0.54
C ARG A 130 -1.15 -18.64 -0.59
N LYS A 131 -0.62 -19.24 -1.67
CA LYS A 131 0.82 -19.38 -1.78
C LYS A 131 1.46 -18.64 -2.94
N LYS A 132 0.68 -18.20 -3.93
CA LYS A 132 1.29 -17.43 -5.00
C LYS A 132 1.72 -16.06 -4.47
N PHE A 133 0.98 -15.49 -3.52
CA PHE A 133 1.38 -14.17 -3.06
C PHE A 133 2.03 -14.25 -1.69
N MET A 134 3.03 -15.12 -1.54
CA MET A 134 3.83 -15.10 -0.33
C MET A 134 4.91 -14.03 -0.52
N GLY A 135 4.68 -12.86 0.06
CA GLY A 135 5.47 -11.68 -0.19
C GLY A 135 6.70 -11.61 0.67
N THR A 136 7.25 -10.41 0.75
CA THR A 136 8.47 -10.10 1.46
C THR A 136 8.17 -9.06 2.53
N GLU A 137 9.01 -9.05 3.56
CA GLU A 137 8.96 -8.03 4.58
C GLU A 137 9.66 -6.76 4.08
N LEU A 138 9.28 -5.62 4.66
CA LEU A 138 10.02 -4.39 4.43
C LEU A 138 11.11 -4.24 5.46
N ASN A 139 10.81 -4.65 6.69
CA ASN A 139 11.72 -4.49 7.79
C ASN A 139 13.01 -5.26 7.52
N GLY A 140 14.13 -4.52 7.45
CA GLY A 140 15.44 -5.08 7.22
C GLY A 140 15.88 -5.03 5.78
N LYS A 141 14.93 -4.93 4.83
CA LYS A 141 15.27 -4.79 3.42
C LYS A 141 15.82 -3.39 3.19
N THR A 142 16.51 -3.22 2.06
CA THR A 142 17.32 -2.04 1.81
C THR A 142 16.74 -1.26 0.64
N LEU A 143 16.34 -0.03 0.88
CA LEU A 143 15.62 0.75 -0.11
C LEU A 143 16.54 1.78 -0.76
N GLY A 144 16.26 2.11 -2.02
CA GLY A 144 17.00 3.13 -2.75
C GLY A 144 16.13 4.21 -3.39
N ILE A 145 16.44 5.48 -3.14
CA ILE A 145 15.64 6.62 -3.59
C ILE A 145 16.56 7.49 -4.44
N LEU A 146 16.36 7.47 -5.75
CA LEU A 146 17.24 8.14 -6.69
C LEU A 146 16.76 9.58 -6.82
N GLY A 147 17.63 10.53 -6.50
CA GLY A 147 17.14 11.89 -6.43
C GLY A 147 16.36 12.08 -5.13
N LEU A 148 16.66 13.14 -4.41
CA LEU A 148 15.95 13.38 -3.17
C LEU A 148 15.21 14.69 -3.38
N GLY A 149 14.70 15.26 -2.31
CA GLY A 149 13.98 16.51 -2.43
C GLY A 149 12.67 16.45 -1.69
N ARG A 150 11.61 17.04 -2.22
CA ARG A 150 10.31 16.94 -1.58
C ARG A 150 9.89 15.48 -1.42
N ILE A 151 9.52 14.84 -2.54
CA ILE A 151 8.92 13.50 -2.50
C ILE A 151 9.92 12.50 -1.96
N GLY A 152 11.18 12.60 -2.38
CA GLY A 152 12.16 11.61 -1.97
C GLY A 152 12.41 11.59 -0.47
N ARG A 153 12.61 12.77 0.13
CA ARG A 153 12.80 12.83 1.58
C ARG A 153 11.54 12.45 2.36
N GLU A 154 10.35 12.70 1.80
CA GLU A 154 9.18 12.30 2.57
C GLU A 154 8.94 10.81 2.45
N VAL A 155 9.18 10.24 1.27
CA VAL A 155 9.17 8.79 1.15
C VAL A 155 10.19 8.19 2.09
N ALA A 156 11.35 8.83 2.22
CA ALA A 156 12.42 8.24 3.02
C ALA A 156 12.05 8.21 4.49
N THR A 157 11.56 9.32 5.03
CA THR A 157 11.18 9.27 6.44
C THR A 157 9.96 8.38 6.67
N ARG A 158 9.00 8.35 5.72
CA ARG A 158 7.84 7.50 5.88
C ARG A 158 8.22 6.03 5.89
N MET A 159 9.25 5.67 5.14
CA MET A 159 9.63 4.28 4.94
C MET A 159 10.70 3.85 5.92
N GLN A 160 11.31 4.81 6.62
CA GLN A 160 12.18 4.44 7.70
C GLN A 160 11.39 3.91 8.88
N SER A 161 10.10 4.24 8.99
CA SER A 161 9.35 3.73 10.14
C SER A 161 9.22 2.23 10.08
N PHE A 162 9.24 1.66 8.89
CA PHE A 162 9.11 0.24 8.68
C PHE A 162 10.39 -0.54 8.93
N GLY A 163 11.48 0.14 9.28
CA GLY A 163 12.71 -0.57 9.53
C GLY A 163 13.59 -0.77 8.34
N MET A 164 13.43 0.04 7.30
CA MET A 164 14.17 -0.10 6.05
C MET A 164 15.43 0.76 6.10
N LYS A 165 16.58 0.23 5.67
CA LYS A 165 17.77 1.08 5.54
C LYS A 165 17.69 1.75 4.19
N THR A 166 17.52 3.07 4.18
CA THR A 166 17.16 3.78 2.96
C THR A 166 18.31 4.67 2.49
N ILE A 167 18.83 4.38 1.30
CA ILE A 167 19.91 5.12 0.70
C ILE A 167 19.40 5.70 -0.62
N GLY A 168 20.21 6.55 -1.25
CA GLY A 168 19.78 7.19 -2.48
C GLY A 168 20.89 7.98 -3.15
N TYR A 169 20.50 8.83 -4.10
CA TYR A 169 21.52 9.69 -4.73
C TYR A 169 20.89 10.92 -5.39
N ASP A 170 21.24 12.10 -4.88
CA ASP A 170 20.92 13.38 -5.53
C ASP A 170 22.23 14.15 -5.58
N PRO A 171 22.68 14.56 -6.76
CA PRO A 171 23.99 15.22 -6.88
C PRO A 171 24.01 16.55 -6.17
N ILE A 172 23.00 17.38 -6.47
CA ILE A 172 22.91 18.68 -5.82
C ILE A 172 22.81 18.50 -4.30
N ILE A 173 21.91 17.63 -3.84
CA ILE A 173 21.55 17.59 -2.43
C ILE A 173 22.76 17.15 -1.64
N SER A 174 23.09 17.94 -0.61
CA SER A 174 24.26 17.74 0.23
C SER A 174 24.33 16.32 0.80
N PRO A 175 25.51 15.76 0.91
CA PRO A 175 25.64 14.54 1.72
C PRO A 175 25.28 14.80 3.16
N GLU A 176 25.58 16.00 3.68
CA GLU A 176 25.23 16.35 5.06
C GLU A 176 23.72 16.54 5.22
N VAL A 177 23.07 17.14 4.23
CA VAL A 177 21.61 17.30 4.22
C VAL A 177 20.94 16.01 3.73
N SER A 178 21.67 15.18 2.97
CA SER A 178 21.19 13.83 2.68
C SER A 178 20.72 13.15 3.97
N ALA A 179 21.56 13.21 5.01
CA ALA A 179 21.29 12.55 6.29
C ALA A 179 20.05 13.08 6.99
N SER A 180 19.78 14.40 6.91
CA SER A 180 18.71 15.05 7.67
C SER A 180 17.32 14.42 7.52
N PHE A 181 17.22 13.35 6.73
CA PHE A 181 16.07 12.47 6.68
C PHE A 181 16.55 11.05 6.46
N GLY A 182 17.70 10.72 7.05
CA GLY A 182 18.11 9.33 7.16
C GLY A 182 18.40 8.56 5.88
N VAL A 183 18.55 9.21 4.73
CA VAL A 183 19.01 8.49 3.54
C VAL A 183 20.51 8.70 3.39
N GLN A 184 21.27 7.60 3.42
CA GLN A 184 22.67 7.72 3.03
C GLN A 184 22.73 8.00 1.56
N GLN A 185 23.79 8.67 1.12
CA GLN A 185 24.01 8.92 -0.28
C GLN A 185 25.25 8.15 -0.77
N LEU A 186 25.13 7.55 -1.96
CA LEU A 186 26.24 6.90 -2.66
C LEU A 186 26.04 7.18 -4.14
N PRO A 187 27.09 7.10 -4.95
CA PRO A 187 26.90 7.08 -6.40
C PRO A 187 26.29 5.76 -6.88
N LEU A 188 25.62 5.82 -8.05
CA LEU A 188 24.84 4.67 -8.50
C LEU A 188 25.68 3.40 -8.53
N GLU A 189 26.96 3.57 -8.90
CA GLU A 189 27.95 2.49 -8.93
C GLU A 189 27.74 1.48 -7.82
N GLU A 190 27.61 1.97 -6.59
CA GLU A 190 27.41 1.12 -5.43
C GLU A 190 25.97 0.99 -4.99
N ILE A 191 25.11 1.96 -5.30
CA ILE A 191 23.72 1.84 -4.87
C ILE A 191 23.00 0.72 -5.59
N TRP A 192 23.46 0.29 -6.78
CA TRP A 192 22.77 -0.82 -7.43
C TRP A 192 22.88 -2.10 -6.62
N PRO A 193 24.07 -2.66 -6.36
CA PRO A 193 24.14 -3.98 -5.73
C PRO A 193 23.50 -4.04 -4.36
N LEU A 194 23.03 -2.91 -3.84
CA LEU A 194 22.65 -2.80 -2.45
C LEU A 194 21.13 -2.84 -2.22
N CYS A 195 20.32 -2.98 -3.26
CA CYS A 195 18.92 -2.59 -3.17
C CYS A 195 17.95 -3.77 -3.28
N ASP A 196 17.01 -3.84 -2.32
CA ASP A 196 15.86 -4.70 -2.48
C ASP A 196 14.72 -3.97 -3.17
N PHE A 197 14.63 -2.66 -2.96
CA PHE A 197 13.67 -1.82 -3.66
C PHE A 197 14.37 -0.55 -4.12
N ILE A 198 13.82 0.10 -5.14
CA ILE A 198 14.29 1.42 -5.59
C ILE A 198 13.09 2.27 -5.98
N THR A 199 13.04 3.49 -5.46
CA THR A 199 12.00 4.45 -5.84
C THR A 199 12.62 5.56 -6.67
N VAL A 200 11.80 6.16 -7.54
CA VAL A 200 12.22 7.31 -8.36
C VAL A 200 11.12 8.37 -8.36
N HIS A 201 11.55 9.64 -8.33
CA HIS A 201 10.70 10.79 -8.62
C HIS A 201 11.50 11.91 -9.30
N THR A 202 12.80 11.70 -9.57
CA THR A 202 13.71 12.45 -10.42
C THR A 202 12.99 13.04 -11.62
N PRO A 203 13.27 14.29 -11.97
CA PRO A 203 12.63 14.87 -13.15
C PRO A 203 13.08 14.22 -14.45
N LEU A 204 12.24 14.40 -15.47
CA LEU A 204 12.62 13.98 -16.81
C LEU A 204 13.72 14.87 -17.34
N LEU A 205 14.81 14.26 -17.76
CA LEU A 205 15.95 14.99 -18.27
C LEU A 205 16.68 14.05 -19.20
N PRO A 206 17.39 14.54 -20.20
CA PRO A 206 18.32 13.64 -20.91
C PRO A 206 19.37 13.18 -19.92
N SER A 207 19.67 14.03 -18.94
CA SER A 207 20.40 13.60 -17.77
C SER A 207 19.76 12.33 -17.18
N THR A 208 18.43 12.20 -17.27
CA THR A 208 17.74 11.09 -16.62
C THR A 208 16.76 10.30 -17.49
N THR A 209 16.55 10.67 -18.75
CA THR A 209 15.62 9.90 -19.59
C THR A 209 16.09 8.46 -19.73
N GLY A 210 15.40 7.52 -19.10
CA GLY A 210 15.85 6.14 -19.08
C GLY A 210 17.07 5.95 -18.21
N LEU A 211 16.95 6.44 -16.97
CA LEU A 211 18.01 6.32 -15.98
C LEU A 211 18.02 4.93 -15.34
N LEU A 212 16.96 4.16 -15.53
CA LEU A 212 16.97 2.73 -15.22
C LEU A 212 16.90 1.96 -16.54
N ASN A 213 18.05 1.45 -16.99
CA ASN A 213 18.06 0.64 -18.21
C ASN A 213 18.77 -0.69 -17.98
N ASP A 214 18.98 -1.45 -19.07
CA ASP A 214 19.54 -2.79 -19.01
C ASP A 214 20.90 -2.83 -18.34
N ASN A 215 21.59 -1.67 -18.27
CA ASN A 215 22.88 -1.56 -17.58
C ASN A 215 22.67 -1.52 -16.07
N THR A 216 21.87 -0.56 -15.59
CA THR A 216 21.57 -0.50 -14.16
C THR A 216 21.12 -1.86 -13.62
N PHE A 217 20.22 -2.50 -14.37
CA PHE A 217 19.70 -3.83 -14.00
C PHE A 217 20.79 -4.90 -13.95
N ALA A 218 21.87 -4.71 -14.70
CA ALA A 218 22.97 -5.67 -14.63
C ALA A 218 23.76 -5.59 -13.32
N GLN A 219 23.58 -4.57 -12.51
CA GLN A 219 24.38 -4.44 -11.29
C GLN A 219 23.63 -4.60 -9.99
N CYS A 220 22.39 -4.11 -9.88
CA CYS A 220 21.59 -4.33 -8.67
C CYS A 220 21.18 -5.79 -8.46
N LYS A 221 21.19 -6.21 -7.18
CA LYS A 221 20.89 -7.52 -6.59
C LYS A 221 20.43 -8.63 -7.53
N LYS A 222 19.18 -8.53 -7.99
CA LYS A 222 18.38 -9.52 -8.70
C LYS A 222 17.01 -9.42 -8.07
N GLY A 223 15.94 -9.74 -8.81
CA GLY A 223 14.64 -9.70 -8.19
C GLY A 223 14.34 -8.37 -7.51
N VAL A 224 15.10 -7.32 -7.85
CA VAL A 224 14.89 -6.03 -7.22
C VAL A 224 13.56 -5.47 -7.68
N ARG A 225 12.99 -4.60 -6.86
CA ARG A 225 11.66 -4.13 -7.11
C ARG A 225 11.69 -2.63 -7.14
N VAL A 226 11.32 -2.07 -8.26
CA VAL A 226 11.40 -0.64 -8.46
C VAL A 226 10.00 -0.06 -8.57
N VAL A 227 9.81 1.13 -7.98
CA VAL A 227 8.61 1.94 -8.16
C VAL A 227 9.03 3.18 -8.92
N ASN A 228 8.21 3.61 -9.87
CA ASN A 228 8.44 4.90 -10.55
C ASN A 228 7.12 5.66 -10.60
N CYS A 229 7.01 6.64 -9.72
CA CYS A 229 5.86 7.54 -9.68
C CYS A 229 6.30 8.96 -9.98
N ALA A 230 7.18 9.09 -10.99
CA ALA A 230 7.74 10.35 -11.46
C ALA A 230 7.28 10.74 -12.87
N ARG A 231 8.22 10.71 -13.82
CA ARG A 231 7.92 10.99 -15.22
C ARG A 231 8.14 9.72 -16.05
N GLY A 232 7.38 9.58 -17.13
CA GLY A 232 7.51 8.42 -17.98
C GLY A 232 8.81 8.48 -18.76
N GLY A 233 9.61 7.43 -18.66
CA GLY A 233 10.89 7.43 -19.35
C GLY A 233 12.06 7.16 -18.45
N ILE A 234 12.07 7.73 -17.24
CA ILE A 234 13.20 7.55 -16.32
C ILE A 234 13.52 6.07 -16.14
N VAL A 235 12.54 5.19 -16.32
CA VAL A 235 12.75 3.76 -16.44
C VAL A 235 12.45 3.36 -17.87
N ASP A 236 13.45 2.84 -18.56
CA ASP A 236 13.26 2.31 -19.89
C ASP A 236 12.16 1.26 -19.91
N GLU A 237 11.04 1.57 -20.55
CA GLU A 237 9.96 0.63 -20.45
C GLU A 237 10.27 -0.66 -21.20
N GLY A 238 11.04 -0.60 -22.28
CA GLY A 238 11.43 -1.82 -22.94
C GLY A 238 12.48 -2.59 -22.14
N ALA A 239 13.47 -1.88 -21.63
CA ALA A 239 14.50 -2.52 -20.83
C ALA A 239 13.91 -3.13 -19.57
N LEU A 240 13.00 -2.42 -18.91
CA LEU A 240 12.33 -2.99 -17.76
C LEU A 240 11.49 -4.19 -18.15
N LEU A 241 10.73 -4.07 -19.24
CA LEU A 241 9.94 -5.18 -19.74
C LEU A 241 10.79 -6.44 -19.89
N ARG A 242 12.04 -6.29 -20.32
CA ARG A 242 12.90 -7.45 -20.37
C ARG A 242 13.41 -7.86 -18.98
N ALA A 243 13.71 -6.90 -18.11
CA ALA A 243 14.23 -7.23 -16.79
C ALA A 243 13.26 -8.10 -16.00
N LEU A 244 11.98 -7.77 -16.08
CA LEU A 244 10.97 -8.62 -15.44
C LEU A 244 11.14 -10.06 -15.87
N GLN A 245 11.24 -10.29 -17.19
CA GLN A 245 11.32 -11.61 -17.77
C GLN A 245 12.33 -12.51 -17.08
N SER A 246 13.46 -11.97 -16.63
CA SER A 246 14.59 -12.77 -16.14
C SER A 246 14.60 -12.97 -14.65
N GLY A 247 13.53 -12.62 -13.94
CA GLY A 247 13.67 -12.54 -12.51
C GLY A 247 14.64 -11.47 -12.02
N GLN A 248 15.31 -10.73 -12.90
CA GLN A 248 16.28 -9.75 -12.43
C GLN A 248 15.59 -8.63 -11.66
N CYS A 249 14.32 -8.40 -11.99
CA CYS A 249 13.44 -7.48 -11.29
C CYS A 249 12.19 -8.31 -11.02
N ALA A 250 11.99 -8.70 -9.75
CA ALA A 250 10.86 -9.52 -9.37
C ALA A 250 9.53 -8.81 -9.57
N GLY A 251 9.43 -7.52 -9.22
CA GLY A 251 8.18 -6.81 -9.45
C GLY A 251 8.38 -5.33 -9.67
N ALA A 252 7.33 -4.66 -10.15
CA ALA A 252 7.48 -3.24 -10.42
C ALA A 252 6.13 -2.54 -10.45
N ALA A 253 6.15 -1.29 -9.97
CA ALA A 253 4.99 -0.42 -9.81
C ALA A 253 5.21 0.86 -10.60
N LEU A 254 4.27 1.18 -11.48
CA LEU A 254 4.37 2.28 -12.44
C LEU A 254 3.10 3.11 -12.38
N ASP A 255 3.26 4.39 -12.02
CA ASP A 255 2.17 5.36 -12.05
C ASP A 255 2.14 6.16 -13.34
N VAL A 256 3.27 6.29 -14.03
CA VAL A 256 3.39 7.09 -15.24
C VAL A 256 4.10 6.28 -16.32
N PHE A 257 4.09 6.86 -17.53
CA PHE A 257 4.46 6.17 -18.75
C PHE A 257 5.11 7.15 -19.73
N THR A 258 5.91 6.59 -20.62
CA THR A 258 6.55 7.39 -21.66
C THR A 258 5.51 7.93 -22.63
N GLU A 259 4.48 7.14 -22.94
CA GLU A 259 3.54 7.59 -23.98
C GLU A 259 2.59 8.65 -23.46
N GLU A 260 1.58 8.26 -22.64
CA GLU A 260 0.42 9.02 -22.14
C GLU A 260 -0.60 7.91 -21.86
N PRO A 261 -1.75 7.78 -22.53
CA PRO A 261 -2.36 6.43 -22.65
C PRO A 261 -1.51 5.54 -23.54
N PRO A 262 -0.75 4.62 -22.96
CA PRO A 262 0.29 3.90 -23.72
C PRO A 262 -0.33 2.89 -24.67
N ARG A 263 -0.02 3.03 -25.96
CA ARG A 263 -0.49 2.02 -26.89
C ARG A 263 0.33 0.75 -26.74
N ASP A 264 1.55 0.89 -26.24
CA ASP A 264 2.29 -0.20 -25.61
C ASP A 264 1.56 -0.76 -24.39
N ARG A 265 1.38 -2.08 -24.35
CA ARG A 265 0.63 -2.74 -23.29
C ARG A 265 1.36 -3.94 -22.70
N ALA A 266 2.63 -4.13 -23.02
CA ALA A 266 3.32 -5.35 -22.59
C ALA A 266 3.56 -5.33 -21.08
N LEU A 267 4.02 -4.20 -20.54
CA LEU A 267 4.37 -4.12 -19.13
C LEU A 267 3.13 -4.16 -18.26
N VAL A 268 2.13 -3.35 -18.63
CA VAL A 268 0.93 -3.20 -17.80
C VAL A 268 0.27 -4.53 -17.52
N ASP A 269 0.39 -5.50 -18.44
CA ASP A 269 -0.25 -6.80 -18.33
C ASP A 269 0.50 -7.80 -17.49
N HIS A 270 1.74 -7.51 -17.12
CA HIS A 270 2.56 -8.52 -16.48
C HIS A 270 2.02 -8.82 -15.09
N GLU A 271 2.01 -10.12 -14.71
CA GLU A 271 1.45 -10.48 -13.40
C GLU A 271 2.22 -9.80 -12.27
N ASN A 272 3.53 -9.60 -12.44
CA ASN A 272 4.35 -8.99 -11.42
C ASN A 272 4.56 -7.48 -11.66
N VAL A 273 3.59 -6.83 -12.32
CA VAL A 273 3.58 -5.40 -12.56
C VAL A 273 2.25 -4.79 -12.08
N ILE A 274 2.33 -3.65 -11.37
CA ILE A 274 1.17 -2.92 -10.87
C ILE A 274 1.25 -1.45 -11.27
N SER A 275 0.09 -0.83 -11.43
CA SER A 275 -0.09 0.35 -12.27
C SER A 275 -0.98 1.40 -11.60
N CYS A 276 -1.13 2.56 -12.25
CA CYS A 276 -2.29 3.44 -12.07
C CYS A 276 -2.18 4.61 -13.05
N PRO A 277 -3.31 5.19 -13.52
CA PRO A 277 -3.30 6.25 -14.56
C PRO A 277 -2.91 7.61 -13.99
N HIS A 278 -1.63 7.77 -13.70
CA HIS A 278 -1.07 9.03 -13.21
C HIS A 278 -1.85 9.53 -12.00
N LEU A 279 -2.11 8.62 -11.07
CA LEU A 279 -2.73 8.98 -9.79
C LEU A 279 -1.75 9.54 -8.77
N GLY A 280 -0.50 9.80 -9.14
CA GLY A 280 0.45 10.31 -8.17
C GLY A 280 -0.09 11.50 -7.39
N ALA A 281 -0.78 12.42 -8.07
CA ALA A 281 -1.15 13.72 -7.51
C ALA A 281 -2.67 13.92 -7.34
N SER A 282 -3.46 12.86 -7.29
CA SER A 282 -4.90 13.05 -7.41
C SER A 282 -5.69 12.86 -6.11
N THR A 283 -5.46 13.70 -5.12
CA THR A 283 -6.45 13.93 -4.09
C THR A 283 -6.74 15.41 -4.02
N LYS A 284 -8.01 15.76 -3.87
CA LYS A 284 -8.30 17.18 -3.86
C LYS A 284 -7.81 17.85 -2.60
N GLU A 285 -7.50 17.11 -1.54
CA GLU A 285 -6.57 17.69 -0.58
C GLU A 285 -5.42 18.31 -1.36
N ALA A 286 -4.62 17.45 -2.01
CA ALA A 286 -3.45 17.95 -2.73
C ALA A 286 -3.85 18.81 -3.93
N GLN A 287 -4.89 18.40 -4.67
CA GLN A 287 -5.19 19.11 -5.90
C GLN A 287 -5.66 20.53 -5.66
N SER A 288 -6.64 20.73 -4.77
CA SER A 288 -6.98 22.10 -4.40
C SER A 288 -5.90 22.73 -3.54
N ARG A 289 -5.03 21.91 -2.99
CA ARG A 289 -4.02 22.47 -2.13
C ARG A 289 -2.99 23.13 -3.01
N CYS A 290 -3.02 22.77 -4.31
CA CYS A 290 -2.35 23.42 -5.44
C CYS A 290 -3.18 24.57 -6.03
N GLY A 291 -4.50 24.42 -6.00
CA GLY A 291 -5.37 25.50 -6.41
C GLY A 291 -5.13 26.77 -5.60
N GLU A 292 -4.82 26.61 -4.32
CA GLU A 292 -4.42 27.75 -3.51
C GLU A 292 -3.19 28.44 -4.10
N GLU A 293 -2.11 27.68 -4.30
CA GLU A 293 -0.82 28.30 -4.60
C GLU A 293 -0.76 28.91 -5.99
N ILE A 294 -1.34 28.24 -6.98
CA ILE A 294 -1.28 28.79 -8.33
C ILE A 294 -1.94 30.17 -8.37
N ALA A 295 -3.16 30.26 -7.86
CA ALA A 295 -3.90 31.51 -7.87
C ALA A 295 -3.53 32.41 -6.72
N VAL A 296 -2.48 32.11 -5.96
CA VAL A 296 -1.88 33.13 -5.10
C VAL A 296 -0.63 33.71 -5.74
N GLN A 297 0.17 32.87 -6.39
CA GLN A 297 1.27 33.41 -7.15
C GLN A 297 0.80 34.15 -8.38
N PHE A 298 -0.51 34.10 -8.67
CA PHE A 298 -1.13 35.02 -9.63
C PHE A 298 -1.47 36.33 -8.93
N VAL A 299 -2.09 36.24 -7.76
CA VAL A 299 -2.57 37.40 -7.01
C VAL A 299 -1.42 37.88 -6.12
N ASP A 300 -0.21 37.46 -6.44
CA ASP A 300 0.97 38.07 -5.84
C ASP A 300 1.86 38.52 -6.97
N MET A 301 1.20 39.01 -8.03
CA MET A 301 1.68 39.72 -9.20
C MET A 301 0.95 41.03 -9.38
N VAL A 302 -0.34 41.05 -9.04
CA VAL A 302 -1.17 42.25 -9.12
C VAL A 302 -1.32 42.77 -7.71
N LEU B 1 13.96 -39.90 21.53
CA LEU B 1 13.66 -38.96 20.46
C LEU B 1 12.38 -39.38 19.69
N ARG B 2 11.28 -38.60 19.73
CA ARG B 2 10.10 -39.04 18.98
C ARG B 2 10.01 -38.12 17.75
N LYS B 3 9.33 -38.59 16.70
CA LYS B 3 9.35 -37.87 15.44
C LYS B 3 7.93 -37.78 14.85
N VAL B 4 7.64 -36.60 14.28
CA VAL B 4 6.32 -35.94 14.30
C VAL B 4 5.78 -35.76 12.86
N LEU B 5 5.01 -34.68 12.55
CA LEU B 5 4.57 -34.35 11.18
C LEU B 5 4.79 -32.88 10.81
N ILE B 6 5.17 -32.69 9.54
CA ILE B 6 5.15 -31.39 8.88
C ILE B 6 3.78 -31.46 8.26
N SER B 7 2.78 -31.15 9.04
CA SER B 7 1.45 -31.45 8.53
C SER B 7 0.99 -30.31 7.64
N ASP B 8 1.90 -29.49 7.15
CA ASP B 8 1.50 -28.33 6.36
C ASP B 8 2.75 -27.65 5.79
N SER B 9 2.50 -26.64 4.96
CA SER B 9 3.56 -25.81 4.41
C SER B 9 4.30 -25.02 5.49
N LEU B 10 5.62 -25.21 5.56
CA LEU B 10 6.49 -24.49 6.49
C LEU B 10 7.90 -24.54 5.94
N ASP B 11 8.59 -23.41 5.97
CA ASP B 11 9.95 -23.21 5.49
C ASP B 11 10.92 -24.23 6.09
N PRO B 12 11.65 -24.99 5.26
CA PRO B 12 12.54 -26.06 5.78
C PRO B 12 13.58 -25.66 6.84
N CYS B 13 14.00 -24.39 6.94
CA CYS B 13 14.68 -23.95 8.15
C CYS B 13 14.00 -24.53 9.39
N CYS B 14 12.65 -24.54 9.39
CA CYS B 14 11.89 -25.16 10.47
C CYS B 14 12.42 -26.55 10.78
N ARG B 15 12.40 -27.48 9.82
CA ARG B 15 12.77 -28.87 10.13
C ARG B 15 14.25 -29.00 10.52
N LYS B 16 15.13 -28.22 9.89
CA LYS B 16 16.55 -28.42 10.21
C LYS B 16 16.87 -27.98 11.64
N ILE B 17 16.39 -26.80 12.04
CA ILE B 17 16.60 -26.42 13.44
C ILE B 17 15.75 -27.29 14.36
N LEU B 18 14.63 -27.82 13.85
CA LEU B 18 13.81 -28.71 14.66
C LEU B 18 14.59 -29.95 15.07
N GLN B 19 15.45 -30.45 14.17
CA GLN B 19 16.16 -31.71 14.39
C GLN B 19 17.51 -31.57 15.06
N ASP B 20 18.20 -30.46 14.87
CA ASP B 20 19.54 -30.45 15.46
C ASP B 20 19.45 -30.40 16.99
N GLY B 21 18.31 -30.86 17.53
CA GLY B 21 18.15 -31.38 18.87
C GLY B 21 17.80 -32.86 18.94
N GLY B 22 17.31 -33.44 17.83
CA GLY B 22 17.12 -34.89 17.66
C GLY B 22 15.75 -35.39 17.19
N LEU B 23 15.03 -34.57 16.40
CA LEU B 23 13.57 -34.67 16.26
C LEU B 23 13.12 -34.18 14.87
N GLN B 24 12.92 -35.09 13.88
CA GLN B 24 12.39 -34.77 12.50
C GLN B 24 11.01 -35.40 12.28
N VAL B 25 10.58 -35.25 11.04
CA VAL B 25 9.19 -35.29 10.67
C VAL B 25 9.10 -35.31 9.15
N VAL B 26 7.94 -35.67 8.61
CA VAL B 26 7.88 -36.06 7.20
C VAL B 26 7.34 -34.88 6.40
N GLU B 27 7.71 -34.83 5.13
CA GLU B 27 7.74 -33.61 4.35
C GLU B 27 6.43 -33.33 3.65
N LYS B 28 5.29 -33.56 4.28
CA LYS B 28 4.08 -33.52 3.49
C LYS B 28 2.79 -33.44 4.28
N GLN B 29 1.76 -33.29 3.46
CA GLN B 29 0.44 -32.75 3.67
C GLN B 29 0.09 -32.16 2.32
N ASN B 30 -0.63 -32.94 1.54
CA ASN B 30 -0.97 -32.67 0.14
C ASN B 30 -2.38 -33.22 0.00
N LEU B 31 -2.91 -33.60 1.15
CA LEU B 31 -3.84 -34.69 1.38
C LEU B 31 -5.23 -34.17 1.76
N SER B 32 -5.94 -34.89 2.64
CA SER B 32 -7.11 -34.38 3.35
C SER B 32 -7.73 -35.42 4.29
N LYS B 33 -8.37 -36.44 3.73
CA LYS B 33 -9.09 -37.41 4.54
C LYS B 33 -8.43 -38.78 4.71
N GLU B 34 -8.11 -39.49 3.62
CA GLU B 34 -7.80 -40.93 3.72
C GLU B 34 -6.44 -41.28 3.12
N GLU B 35 -5.40 -40.85 3.81
CA GLU B 35 -4.00 -41.01 3.49
C GLU B 35 -3.34 -40.44 4.72
N LEU B 36 -4.14 -39.69 5.49
CA LEU B 36 -3.77 -39.22 6.81
C LEU B 36 -4.10 -40.24 7.88
N ILE B 37 -4.30 -41.48 7.43
CA ILE B 37 -4.18 -42.65 8.28
C ILE B 37 -2.70 -43.00 8.45
N ALA B 38 -1.84 -42.37 7.63
CA ALA B 38 -0.41 -42.58 7.67
C ALA B 38 0.26 -41.87 8.85
N GLU B 39 0.18 -40.54 8.90
CA GLU B 39 0.75 -39.79 10.01
C GLU B 39 0.09 -40.12 11.34
N LEU B 40 -1.05 -40.81 11.37
CA LEU B 40 -1.65 -41.29 12.62
C LEU B 40 -0.79 -42.35 13.31
N GLN B 41 -1.39 -43.09 14.24
CA GLN B 41 -0.90 -44.34 14.81
C GLN B 41 0.38 -44.21 15.64
N ASP B 42 1.20 -43.18 15.38
CA ASP B 42 2.41 -42.98 16.15
C ASP B 42 2.49 -41.54 16.67
N CYS B 43 3.71 -41.01 16.69
CA CYS B 43 4.02 -39.60 16.93
C CYS B 43 3.78 -39.21 18.39
N GLU B 44 4.36 -38.09 18.82
CA GLU B 44 3.92 -37.42 20.04
C GLU B 44 3.37 -36.03 19.77
N GLY B 45 3.98 -35.30 18.84
CA GLY B 45 3.66 -33.93 18.47
C GLY B 45 3.17 -33.74 17.05
N LEU B 46 3.01 -32.49 16.64
CA LEU B 46 2.61 -32.13 15.28
C LEU B 46 2.99 -30.67 15.05
N ILE B 47 3.37 -30.31 13.83
CA ILE B 47 3.81 -28.96 13.48
C ILE B 47 3.12 -28.57 12.19
N VAL B 48 2.18 -27.64 12.26
CA VAL B 48 1.32 -27.40 11.12
C VAL B 48 1.53 -25.98 10.59
N ARG B 49 0.69 -25.61 9.62
CA ARG B 49 0.43 -24.25 9.15
C ARG B 49 -0.98 -23.81 9.49
N SER B 50 -1.95 -24.73 9.33
CA SER B 50 -3.36 -24.66 9.73
C SER B 50 -4.30 -25.29 8.70
N ALA B 51 -3.86 -25.43 7.45
CA ALA B 51 -4.69 -26.13 6.47
C ALA B 51 -5.01 -27.54 6.94
N THR B 52 -4.33 -28.01 7.98
CA THR B 52 -4.63 -29.27 8.65
C THR B 52 -5.69 -29.06 9.74
N LYS B 53 -6.90 -28.78 9.27
CA LYS B 53 -8.04 -28.72 10.17
C LYS B 53 -8.23 -30.09 10.83
N VAL B 54 -7.48 -30.35 11.91
CA VAL B 54 -7.52 -31.64 12.59
C VAL B 54 -8.92 -31.90 13.15
N THR B 55 -9.57 -32.90 12.59
CA THR B 55 -10.98 -33.17 12.87
C THR B 55 -11.28 -33.44 14.34
N ALA B 56 -12.52 -33.84 14.64
CA ALA B 56 -12.89 -34.16 16.02
C ALA B 56 -12.12 -35.41 16.40
N ASP B 57 -11.81 -36.29 15.43
CA ASP B 57 -11.25 -37.59 15.72
C ASP B 57 -9.75 -37.74 15.50
N VAL B 58 -9.14 -36.97 14.59
CA VAL B 58 -7.75 -37.25 14.21
C VAL B 58 -6.73 -36.64 15.17
N ILE B 59 -7.16 -36.02 16.27
CA ILE B 59 -6.25 -35.82 17.38
C ILE B 59 -6.40 -36.93 18.40
N ASN B 60 -7.55 -37.60 18.45
CA ASN B 60 -7.74 -38.79 19.27
C ASN B 60 -7.35 -40.06 18.51
N ALA B 61 -7.02 -39.94 17.23
CA ALA B 61 -6.57 -41.11 16.51
C ALA B 61 -5.06 -41.27 16.57
N ALA B 62 -4.35 -40.21 16.97
CA ALA B 62 -2.94 -40.32 17.34
C ALA B 62 -2.83 -40.31 18.87
N GLU B 63 -3.24 -41.41 19.50
CA GLU B 63 -3.19 -41.41 20.94
C GLU B 63 -1.78 -41.69 21.48
N LYS B 64 -0.78 -41.77 20.60
CA LYS B 64 0.60 -41.62 21.02
C LYS B 64 0.85 -40.11 21.09
N LEU B 65 1.19 -39.60 22.28
CA LEU B 65 0.92 -38.19 22.47
C LEU B 65 1.46 -37.54 23.74
N GLN B 66 1.72 -36.24 23.68
CA GLN B 66 1.31 -35.40 24.81
C GLN B 66 0.96 -33.96 24.45
N VAL B 67 1.58 -33.37 23.42
CA VAL B 67 1.42 -31.96 23.08
C VAL B 67 1.57 -31.77 21.56
N VAL B 68 1.03 -30.65 21.04
CA VAL B 68 1.25 -30.21 19.66
C VAL B 68 1.35 -28.70 19.67
N GLY B 69 1.77 -28.13 18.52
CA GLY B 69 2.09 -26.71 18.42
C GLY B 69 2.38 -26.27 17.00
N ARG B 70 1.88 -25.11 16.59
CA ARG B 70 1.99 -24.67 15.19
C ARG B 70 2.67 -23.31 15.08
N ALA B 71 3.52 -23.19 14.06
CA ALA B 71 4.29 -21.98 13.83
C ALA B 71 3.43 -20.84 13.28
N GLY B 72 2.80 -20.07 14.14
CA GLY B 72 2.04 -18.94 13.67
C GLY B 72 0.86 -18.65 14.57
N THR B 73 0.20 -17.53 14.25
CA THR B 73 -1.15 -17.13 14.63
C THR B 73 -2.02 -18.26 15.23
N GLY B 74 -2.76 -17.99 16.32
CA GLY B 74 -3.83 -18.85 16.87
C GLY B 74 -3.83 -20.32 16.53
N VAL B 75 -5.00 -20.98 16.55
CA VAL B 75 -5.17 -22.23 15.83
C VAL B 75 -6.59 -22.25 15.27
N ASP B 76 -6.72 -22.00 13.96
CA ASP B 76 -8.01 -21.90 13.27
C ASP B 76 -8.41 -23.22 12.64
N ASN B 77 -8.07 -24.33 13.29
CA ASN B 77 -8.24 -25.64 12.69
C ASN B 77 -8.32 -26.72 13.76
N VAL B 78 -8.22 -26.35 15.03
CA VAL B 78 -8.23 -27.31 16.12
C VAL B 78 -9.43 -27.05 17.02
N ASP B 79 -10.26 -28.08 17.19
CA ASP B 79 -11.30 -28.11 18.22
C ASP B 79 -10.58 -28.46 19.50
N LEU B 80 -10.31 -27.51 20.40
CA LEU B 80 -9.35 -28.07 21.35
C LEU B 80 -10.03 -28.80 22.51
N GLU B 81 -11.35 -28.74 22.68
CA GLU B 81 -11.93 -29.73 23.58
C GLU B 81 -11.67 -31.13 23.02
N ALA B 82 -11.78 -31.25 21.67
CA ALA B 82 -11.36 -32.40 20.88
C ALA B 82 -9.86 -32.41 20.59
N ALA B 83 -9.10 -31.41 21.05
CA ALA B 83 -7.64 -31.50 21.02
C ALA B 83 -7.06 -32.02 22.33
N THR B 84 -7.37 -31.37 23.48
CA THR B 84 -6.71 -31.70 24.73
C THR B 84 -7.34 -32.95 25.34
N ARG B 85 -6.88 -34.09 24.83
CA ARG B 85 -7.45 -35.36 25.27
C ARG B 85 -6.79 -35.84 26.57
N LYS B 86 -5.46 -36.06 26.56
CA LYS B 86 -4.73 -36.37 27.79
C LYS B 86 -4.05 -35.16 28.44
N GLY B 87 -2.78 -34.92 28.15
CA GLY B 87 -1.99 -33.86 28.75
C GLY B 87 -1.62 -32.77 27.76
N ILE B 88 -2.58 -32.40 26.94
CA ILE B 88 -2.31 -31.59 25.74
C ILE B 88 -2.21 -30.12 26.06
N LEU B 89 -1.27 -29.50 25.35
CA LEU B 89 -1.32 -28.06 25.23
C LEU B 89 -1.04 -27.88 23.73
N VAL B 90 -1.34 -26.73 23.15
CA VAL B 90 -0.79 -26.44 21.82
C VAL B 90 0.07 -25.18 21.95
N MET B 91 1.34 -25.29 21.59
CA MET B 91 2.20 -24.13 21.55
C MET B 91 1.96 -23.33 20.28
N ASN B 92 1.89 -22.02 20.43
CA ASN B 92 1.80 -21.16 19.26
C ASN B 92 2.97 -20.20 19.27
N THR B 93 3.01 -19.36 18.24
CA THR B 93 4.12 -18.46 18.02
C THR B 93 3.57 -17.05 17.82
N PRO B 94 3.05 -16.44 18.89
CA PRO B 94 2.32 -15.18 18.73
C PRO B 94 3.23 -14.00 18.46
N ASN B 95 4.54 -14.18 18.57
CA ASN B 95 5.46 -13.08 18.40
C ASN B 95 6.02 -13.00 16.99
N GLY B 96 6.05 -14.14 16.28
CA GLY B 96 6.77 -14.20 15.02
C GLY B 96 6.07 -13.48 13.89
N ASN B 97 4.76 -13.52 13.89
CA ASN B 97 4.00 -12.91 12.81
C ASN B 97 3.80 -11.43 13.06
N SER B 98 4.13 -10.98 14.28
CA SER B 98 3.86 -9.63 14.77
C SER B 98 4.26 -8.56 13.75
N LEU B 99 5.43 -8.66 13.15
CA LEU B 99 5.89 -7.56 12.31
C LEU B 99 5.19 -7.52 10.95
N SER B 100 4.88 -8.68 10.39
CA SER B 100 4.49 -8.72 8.99
C SER B 100 3.01 -8.57 8.76
N ALA B 101 2.19 -8.86 9.77
CA ALA B 101 0.80 -8.43 9.65
C ALA B 101 0.73 -6.90 9.73
N ALA B 102 1.59 -6.28 10.56
CA ALA B 102 1.67 -4.83 10.61
C ALA B 102 2.00 -4.25 9.24
N GLU B 103 2.97 -4.87 8.56
CA GLU B 103 3.30 -4.44 7.20
C GLU B 103 2.10 -4.57 6.28
N LEU B 104 1.41 -5.72 6.34
CA LEU B 104 0.25 -5.94 5.49
C LEU B 104 -0.83 -4.88 5.72
N THR B 105 -1.16 -4.64 6.97
CA THR B 105 -2.24 -3.68 7.25
C THR B 105 -1.88 -2.26 6.83
N CYS B 106 -0.63 -1.81 7.05
CA CYS B 106 -0.31 -0.46 6.57
C CYS B 106 -0.38 -0.38 5.05
N GLY B 107 0.00 -1.45 4.37
CA GLY B 107 -0.22 -1.46 2.93
C GLY B 107 -1.68 -1.36 2.58
N MET B 108 -2.53 -2.00 3.40
CA MET B 108 -3.96 -1.95 3.16
C MET B 108 -4.56 -0.59 3.50
N ILE B 109 -4.01 0.10 4.50
CA ILE B 109 -4.43 1.47 4.72
C ILE B 109 -4.13 2.30 3.49
N MET B 110 -2.93 2.17 2.94
CA MET B 110 -2.61 3.03 1.80
C MET B 110 -3.51 2.69 0.61
N CYS B 111 -3.78 1.39 0.36
CA CYS B 111 -4.67 1.05 -0.74
C CYS B 111 -6.09 1.56 -0.49
N LEU B 112 -6.59 1.37 0.74
CA LEU B 112 -7.87 1.95 1.12
C LEU B 112 -7.88 3.44 0.88
N ALA B 113 -6.75 4.09 1.13
CA ALA B 113 -6.68 5.52 0.89
C ALA B 113 -6.83 5.77 -0.61
N ARG B 114 -5.96 5.20 -1.44
CA ARG B 114 -6.09 5.40 -2.86
C ARG B 114 -6.93 4.62 -3.95
N GLN B 115 -6.92 3.31 -3.70
CA GLN B 115 -7.72 2.39 -4.57
C GLN B 115 -6.67 1.86 -5.56
N ILE B 116 -5.50 1.48 -5.05
CA ILE B 116 -4.42 1.06 -5.93
C ILE B 116 -4.75 -0.23 -6.68
N PRO B 117 -5.26 -1.28 -6.04
CA PRO B 117 -5.64 -2.46 -6.80
C PRO B 117 -6.76 -2.24 -7.81
N GLN B 118 -7.78 -1.43 -7.48
CA GLN B 118 -8.87 -1.21 -8.42
C GLN B 118 -8.36 -0.55 -9.70
N ALA B 119 -7.49 0.44 -9.53
CA ALA B 119 -6.97 1.19 -10.65
C ALA B 119 -6.11 0.32 -11.56
N THR B 120 -5.29 -0.57 -10.99
CA THR B 120 -4.51 -1.38 -11.93
C THR B 120 -5.32 -2.56 -12.47
N ALA B 121 -6.26 -3.06 -11.67
CA ALA B 121 -7.06 -4.19 -12.11
C ALA B 121 -7.86 -3.83 -13.36
N SER B 122 -8.22 -2.54 -13.51
CA SER B 122 -8.83 -2.18 -14.79
C SER B 122 -7.89 -1.45 -15.73
N MET B 123 -6.72 -0.98 -15.25
CA MET B 123 -5.65 -0.67 -16.20
C MET B 123 -5.26 -1.91 -16.97
N LYS B 124 -5.12 -3.04 -16.27
CA LYS B 124 -4.87 -4.32 -16.91
C LYS B 124 -6.06 -4.75 -17.77
N ASP B 125 -7.24 -4.21 -17.51
CA ASP B 125 -8.40 -4.31 -18.39
C ASP B 125 -8.31 -3.31 -19.53
N GLY B 126 -7.20 -2.60 -19.62
CA GLY B 126 -6.96 -1.63 -20.68
C GLY B 126 -7.83 -0.40 -20.60
N LYS B 127 -7.77 0.36 -19.52
CA LYS B 127 -8.55 1.59 -19.49
C LYS B 127 -7.76 2.71 -18.85
N TRP B 128 -7.74 3.89 -19.48
CA TRP B 128 -7.07 5.05 -18.91
C TRP B 128 -8.16 5.94 -18.35
N GLU B 129 -8.57 5.68 -17.13
CA GLU B 129 -9.59 6.51 -16.50
C GLU B 129 -8.93 7.33 -15.41
N ARG B 130 -8.34 8.47 -15.83
CA ARG B 130 -7.72 9.32 -14.81
C ARG B 130 -8.79 10.09 -13.94
N LYS B 131 -10.10 9.76 -14.05
CA LYS B 131 -11.16 10.47 -13.32
C LYS B 131 -11.88 9.69 -12.22
N LYS B 132 -12.01 8.37 -12.31
CA LYS B 132 -12.74 7.65 -11.27
C LYS B 132 -11.93 7.41 -10.00
N PHE B 133 -10.61 7.24 -10.10
CA PHE B 133 -9.84 6.80 -8.93
C PHE B 133 -9.14 7.97 -8.20
N MET B 134 -9.89 9.01 -7.83
CA MET B 134 -9.35 10.16 -7.10
C MET B 134 -9.37 9.96 -5.57
N GLY B 135 -8.19 9.71 -4.98
CA GLY B 135 -8.10 9.28 -3.60
C GLY B 135 -8.09 10.42 -2.58
N THR B 136 -7.77 10.05 -1.33
CA THR B 136 -7.67 10.98 -0.21
C THR B 136 -6.29 10.83 0.42
N GLU B 137 -5.75 11.90 0.98
CA GLU B 137 -4.45 11.83 1.62
C GLU B 137 -4.56 11.22 3.01
N LEU B 138 -3.45 10.69 3.49
CA LEU B 138 -3.46 10.12 4.83
C LEU B 138 -3.11 11.13 5.91
N ASN B 139 -2.12 11.98 5.68
CA ASN B 139 -1.65 12.89 6.71
C ASN B 139 -2.75 13.84 7.13
N GLY B 140 -3.10 13.79 8.42
CA GLY B 140 -4.13 14.63 8.97
C GLY B 140 -5.48 13.97 9.08
N LYS B 141 -5.73 12.92 8.30
CA LYS B 141 -6.92 12.11 8.50
C LYS B 141 -6.73 11.29 9.77
N THR B 142 -7.83 10.81 10.32
CA THR B 142 -7.79 10.35 11.70
C THR B 142 -8.04 8.86 11.76
N LEU B 143 -7.05 8.13 12.29
CA LEU B 143 -7.07 6.68 12.34
C LEU B 143 -7.39 6.17 13.74
N GLY B 144 -8.18 5.09 13.82
CA GLY B 144 -8.55 4.47 15.08
C GLY B 144 -8.26 2.99 15.17
N ILE B 145 -7.61 2.59 16.26
CA ILE B 145 -7.00 1.27 16.44
C ILE B 145 -7.56 0.61 17.70
N LEU B 146 -8.33 -0.46 17.52
CA LEU B 146 -8.95 -1.19 18.61
C LEU B 146 -8.09 -2.38 19.03
N GLY B 147 -7.74 -2.45 20.32
CA GLY B 147 -6.79 -3.43 20.81
C GLY B 147 -5.45 -2.76 20.60
N LEU B 148 -4.41 -3.14 21.34
CA LEU B 148 -3.12 -2.47 21.25
C LEU B 148 -2.08 -3.43 21.83
N GLY B 149 -1.78 -4.48 21.09
CA GLY B 149 -0.75 -5.43 21.54
C GLY B 149 0.56 -5.21 20.82
N ARG B 150 1.20 -6.30 20.42
CA ARG B 150 2.34 -6.25 19.52
C ARG B 150 1.98 -5.49 18.24
N ILE B 151 1.14 -6.15 17.44
CA ILE B 151 0.95 -5.75 16.06
C ILE B 151 0.44 -4.32 15.97
N GLY B 152 -0.58 -3.99 16.76
CA GLY B 152 -1.19 -2.68 16.69
C GLY B 152 -0.24 -1.55 17.05
N ARG B 153 0.57 -1.76 18.08
CA ARG B 153 1.57 -0.75 18.40
C ARG B 153 2.59 -0.60 17.27
N GLU B 154 2.87 -1.69 16.52
CA GLU B 154 3.79 -1.57 15.37
C GLU B 154 3.10 -0.91 14.18
N VAL B 155 1.80 -1.19 14.00
CA VAL B 155 1.02 -0.50 12.99
C VAL B 155 1.00 0.98 13.26
N ALA B 156 0.85 1.33 14.53
CA ALA B 156 0.72 2.72 14.94
C ALA B 156 2.04 3.47 14.79
N THR B 157 3.13 2.91 15.31
CA THR B 157 4.38 3.66 15.16
C THR B 157 4.71 3.80 13.70
N ARG B 158 4.37 2.81 12.86
CA ARG B 158 4.57 2.92 11.43
C ARG B 158 3.66 3.98 10.79
N MET B 159 2.45 4.17 11.31
CA MET B 159 1.49 5.03 10.63
C MET B 159 1.38 6.45 11.19
N GLN B 160 1.83 6.71 12.41
CA GLN B 160 1.88 8.12 12.82
C GLN B 160 2.95 8.87 12.03
N SER B 161 3.88 8.14 11.39
CA SER B 161 4.90 8.76 10.53
C SER B 161 4.30 9.35 9.25
N PHE B 162 3.15 8.84 8.79
CA PHE B 162 2.49 9.37 7.61
C PHE B 162 1.72 10.62 7.92
N GLY B 163 1.76 11.09 9.17
CA GLY B 163 1.01 12.26 9.59
C GLY B 163 -0.39 11.96 10.11
N MET B 164 -0.66 10.72 10.50
CA MET B 164 -2.00 10.34 10.89
C MET B 164 -2.15 10.46 12.40
N LYS B 165 -3.32 10.94 12.82
CA LYS B 165 -3.64 11.00 14.24
C LYS B 165 -4.19 9.65 14.68
N THR B 166 -3.51 9.03 15.65
CA THR B 166 -3.75 7.64 16.05
C THR B 166 -4.45 7.59 17.41
N ILE B 167 -5.70 7.12 17.43
CA ILE B 167 -6.43 6.91 18.68
C ILE B 167 -6.87 5.45 18.69
N GLY B 168 -7.40 4.98 19.81
CA GLY B 168 -7.77 3.57 19.89
C GLY B 168 -8.48 3.18 21.17
N TYR B 169 -8.52 1.86 21.44
CA TYR B 169 -9.00 1.36 22.73
C TYR B 169 -8.56 -0.07 22.97
N ASP B 170 -7.87 -0.27 24.09
CA ASP B 170 -7.59 -1.56 24.67
C ASP B 170 -8.06 -1.48 26.12
N PRO B 171 -8.89 -2.40 26.61
CA PRO B 171 -9.41 -2.22 27.96
C PRO B 171 -8.32 -2.25 29.00
N ILE B 172 -7.49 -3.28 28.96
CA ILE B 172 -6.38 -3.46 29.89
C ILE B 172 -5.35 -2.31 29.79
N ILE B 173 -4.97 -1.95 28.57
CA ILE B 173 -3.84 -1.05 28.35
C ILE B 173 -4.17 0.35 28.87
N SER B 174 -3.29 0.88 29.73
CA SER B 174 -3.43 2.20 30.32
C SER B 174 -3.57 3.27 29.23
N PRO B 175 -4.29 4.36 29.52
CA PRO B 175 -4.15 5.56 28.67
C PRO B 175 -2.71 6.06 28.63
N GLU B 176 -1.95 5.84 29.70
CA GLU B 176 -0.57 6.30 29.76
C GLU B 176 0.31 5.57 28.75
N VAL B 177 0.10 4.26 28.58
CA VAL B 177 0.99 3.50 27.69
C VAL B 177 0.62 3.72 26.23
N SER B 178 -0.68 3.80 25.93
CA SER B 178 -1.11 4.23 24.60
C SER B 178 -0.47 5.56 24.22
N ALA B 179 -0.52 6.54 25.14
CA ALA B 179 0.11 7.81 24.82
C ALA B 179 1.60 7.61 24.56
N SER B 180 2.22 6.69 25.33
CA SER B 180 3.64 6.36 25.21
C SER B 180 3.93 5.36 24.02
N PHE B 181 2.96 5.17 23.13
CA PHE B 181 3.28 4.83 21.74
C PHE B 181 2.34 5.59 20.83
N GLY B 182 2.04 6.83 21.21
CA GLY B 182 1.43 7.80 20.32
C GLY B 182 0.03 7.50 19.86
N VAL B 183 -0.63 6.49 20.41
CA VAL B 183 -2.04 6.29 20.13
C VAL B 183 -2.82 6.78 21.32
N GLN B 184 -3.70 7.76 21.12
CA GLN B 184 -4.61 8.19 22.15
C GLN B 184 -5.58 7.06 22.43
N GLN B 185 -6.10 7.00 23.65
CA GLN B 185 -7.08 5.97 24.04
C GLN B 185 -8.44 6.59 24.31
N LEU B 186 -9.51 5.86 24.05
CA LEU B 186 -10.85 6.42 24.24
C LEU B 186 -11.79 5.32 24.72
N PRO B 187 -12.94 5.70 25.22
CA PRO B 187 -14.10 4.81 25.19
C PRO B 187 -14.58 4.73 23.75
N LEU B 188 -15.15 3.60 23.37
CA LEU B 188 -15.47 3.40 21.95
C LEU B 188 -16.42 4.48 21.41
N GLU B 189 -17.41 4.87 22.24
CA GLU B 189 -18.42 5.88 21.96
C GLU B 189 -17.87 7.07 21.18
N GLU B 190 -16.69 7.56 21.57
CA GLU B 190 -16.10 8.71 20.88
C GLU B 190 -15.16 8.28 19.77
N ILE B 191 -14.67 7.03 19.81
CA ILE B 191 -13.76 6.52 18.77
C ILE B 191 -14.47 6.44 17.43
N TRP B 192 -15.79 6.22 17.44
CA TRP B 192 -16.49 6.13 16.17
C TRP B 192 -16.57 7.47 15.43
N PRO B 193 -17.19 8.53 15.99
CA PRO B 193 -17.38 9.76 15.22
C PRO B 193 -16.10 10.51 14.86
N LEU B 194 -14.91 10.06 15.27
CA LEU B 194 -13.69 10.83 15.09
C LEU B 194 -12.79 10.34 13.97
N CYS B 195 -13.19 9.28 13.26
CA CYS B 195 -12.27 8.42 12.51
C CYS B 195 -12.50 8.52 11.01
N ASP B 196 -11.40 8.63 10.27
CA ASP B 196 -11.42 8.41 8.83
C ASP B 196 -11.05 6.99 8.45
N PHE B 197 -10.30 6.28 9.29
CA PHE B 197 -10.04 4.85 9.12
C PHE B 197 -10.28 4.13 10.43
N ILE B 198 -10.62 2.84 10.33
CA ILE B 198 -10.67 1.97 11.51
C ILE B 198 -10.02 0.66 11.13
N THR B 199 -8.97 0.30 11.86
CA THR B 199 -8.37 -1.02 11.77
C THR B 199 -8.60 -1.69 13.10
N VAL B 200 -8.60 -3.01 13.13
CA VAL B 200 -8.63 -3.77 14.39
C VAL B 200 -7.61 -4.89 14.31
N HIS B 201 -7.07 -5.26 15.47
CA HIS B 201 -6.22 -6.42 15.54
C HIS B 201 -6.56 -7.29 16.73
N THR B 202 -7.65 -6.98 17.41
CA THR B 202 -8.45 -7.78 18.33
C THR B 202 -8.48 -9.27 17.97
N PRO B 203 -8.31 -10.16 18.95
CA PRO B 203 -8.57 -11.59 18.69
C PRO B 203 -10.07 -11.86 18.59
N LEU B 204 -10.44 -12.97 17.95
CA LEU B 204 -11.85 -13.35 17.96
C LEU B 204 -12.24 -13.74 19.39
N LEU B 205 -13.26 -13.06 19.90
CA LEU B 205 -13.74 -13.15 21.28
C LEU B 205 -15.19 -12.74 21.30
N PRO B 206 -15.96 -13.18 22.29
CA PRO B 206 -17.37 -12.71 22.34
C PRO B 206 -17.51 -11.21 22.52
N SER B 207 -16.65 -10.60 23.36
CA SER B 207 -16.55 -9.15 23.45
C SER B 207 -16.34 -8.50 22.10
N THR B 208 -15.76 -9.24 21.16
CA THR B 208 -15.33 -8.68 19.90
C THR B 208 -15.87 -9.42 18.68
N THR B 209 -16.63 -10.48 18.86
CA THR B 209 -17.22 -11.07 17.68
C THR B 209 -18.21 -10.06 17.12
N GLY B 210 -17.87 -9.50 15.96
CA GLY B 210 -18.72 -8.49 15.39
C GLY B 210 -18.67 -7.27 16.29
N LEU B 211 -17.48 -6.78 16.57
CA LEU B 211 -17.35 -5.60 17.40
C LEU B 211 -17.50 -4.34 16.59
N LEU B 212 -17.46 -4.46 15.27
CA LEU B 212 -17.96 -3.43 14.36
C LEU B 212 -19.25 -4.00 13.80
N ASN B 213 -20.36 -3.50 14.31
CA ASN B 213 -21.69 -3.88 13.92
C ASN B 213 -22.47 -2.62 13.59
N ASP B 214 -23.77 -2.80 13.32
CA ASP B 214 -24.60 -1.72 12.78
C ASP B 214 -24.62 -0.50 13.68
N ASN B 215 -24.35 -0.66 14.97
CA ASN B 215 -24.32 0.51 15.84
C ASN B 215 -23.06 1.32 15.61
N THR B 216 -21.89 0.69 15.81
CA THR B 216 -20.61 1.37 15.59
C THR B 216 -20.59 2.07 14.24
N PHE B 217 -21.01 1.35 13.19
CA PHE B 217 -21.11 1.98 11.89
C PHE B 217 -22.14 3.11 11.87
N ALA B 218 -23.14 3.05 12.75
CA ALA B 218 -24.04 4.19 12.83
C ALA B 218 -23.41 5.39 13.54
N GLN B 219 -22.29 5.19 14.23
CA GLN B 219 -21.68 6.28 14.99
C GLN B 219 -20.48 6.90 14.29
N CYS B 220 -19.75 6.11 13.52
CA CYS B 220 -18.70 6.69 12.70
C CYS B 220 -19.34 7.64 11.71
N LYS B 221 -18.70 8.77 11.48
CA LYS B 221 -19.33 9.66 10.52
C LYS B 221 -18.99 9.18 9.13
N LYS B 222 -19.62 9.79 8.14
CA LYS B 222 -19.71 9.20 6.81
C LYS B 222 -18.33 8.87 6.21
N GLY B 223 -18.35 7.96 5.24
CA GLY B 223 -17.21 7.60 4.42
C GLY B 223 -15.98 7.04 5.10
N VAL B 224 -16.11 6.55 6.33
CA VAL B 224 -14.94 5.97 6.98
C VAL B 224 -14.58 4.65 6.31
N ARG B 225 -13.33 4.25 6.47
CA ARG B 225 -12.81 3.08 5.77
C ARG B 225 -12.22 2.11 6.78
N VAL B 226 -12.72 0.88 6.77
CA VAL B 226 -12.37 -0.11 7.77
C VAL B 226 -11.38 -1.09 7.17
N VAL B 227 -10.34 -1.40 7.94
CA VAL B 227 -9.36 -2.42 7.58
C VAL B 227 -9.52 -3.52 8.60
N ASN B 228 -9.46 -4.77 8.14
CA ASN B 228 -9.45 -5.91 9.06
C ASN B 228 -8.43 -6.93 8.59
N CYS B 229 -7.29 -6.99 9.26
CA CYS B 229 -6.31 -8.05 9.04
C CYS B 229 -6.07 -8.83 10.34
N ALA B 230 -7.13 -9.03 11.11
CA ALA B 230 -6.99 -9.72 12.38
C ALA B 230 -7.63 -11.09 12.27
N ARG B 231 -8.81 -11.23 12.86
CA ARG B 231 -9.58 -12.46 12.74
C ARG B 231 -10.82 -12.17 11.91
N GLY B 232 -11.26 -13.17 11.15
CA GLY B 232 -12.42 -13.00 10.32
C GLY B 232 -13.66 -12.97 11.18
N GLY B 233 -14.45 -11.89 11.07
CA GLY B 233 -15.63 -11.77 11.90
C GLY B 233 -15.73 -10.50 12.73
N ILE B 234 -14.63 -10.02 13.28
CA ILE B 234 -14.62 -8.85 14.15
C ILE B 234 -15.33 -7.70 13.46
N VAL B 235 -15.41 -7.73 12.13
CA VAL B 235 -16.28 -6.82 11.41
C VAL B 235 -17.46 -7.63 10.91
N ASP B 236 -18.65 -7.33 11.42
CA ASP B 236 -19.89 -7.96 10.99
C ASP B 236 -19.98 -7.88 9.48
N GLU B 237 -19.81 -9.03 8.81
CA GLU B 237 -19.63 -9.02 7.36
C GLU B 237 -20.89 -8.59 6.64
N GLY B 238 -22.05 -8.88 7.19
CA GLY B 238 -23.29 -8.39 6.62
C GLY B 238 -23.49 -6.93 6.92
N ALA B 239 -23.24 -6.55 8.18
CA ALA B 239 -23.37 -5.16 8.55
C ALA B 239 -22.36 -4.31 7.78
N LEU B 240 -21.15 -4.83 7.65
CA LEU B 240 -20.13 -4.16 6.86
C LEU B 240 -20.58 -4.02 5.42
N LEU B 241 -21.05 -5.11 4.82
CA LEU B 241 -21.61 -5.04 3.47
C LEU B 241 -22.72 -3.98 3.34
N ARG B 242 -23.53 -3.81 4.39
CA ARG B 242 -24.62 -2.81 4.32
C ARG B 242 -24.05 -1.40 4.34
N ALA B 243 -23.14 -1.12 5.28
CA ALA B 243 -22.53 0.20 5.33
C ALA B 243 -21.83 0.51 4.04
N LEU B 244 -21.14 -0.49 3.47
CA LEU B 244 -20.55 -0.33 2.15
C LEU B 244 -21.59 0.10 1.15
N GLN B 245 -22.70 -0.65 1.09
CA GLN B 245 -23.71 -0.43 0.06
C GLN B 245 -24.22 0.99 0.08
N SER B 246 -24.56 1.50 1.21
CA SER B 246 -24.88 2.91 1.11
C SER B 246 -23.69 3.68 1.73
N GLY B 247 -23.84 4.95 2.07
CA GLY B 247 -22.62 5.76 2.09
C GLY B 247 -21.67 5.66 3.25
N GLN B 248 -22.02 4.91 4.29
CA GLN B 248 -21.29 4.99 5.55
C GLN B 248 -19.84 4.52 5.43
N CYS B 249 -19.52 3.68 4.45
CA CYS B 249 -18.17 3.14 4.30
C CYS B 249 -17.64 3.48 2.91
N ALA B 250 -16.65 4.38 2.83
CA ALA B 250 -16.09 4.71 1.54
C ALA B 250 -15.45 3.48 0.92
N GLY B 251 -14.69 2.71 1.70
CA GLY B 251 -14.05 1.50 1.26
C GLY B 251 -13.71 0.63 2.46
N ALA B 252 -13.26 -0.58 2.15
CA ALA B 252 -12.88 -1.52 3.21
C ALA B 252 -11.83 -2.52 2.70
N ALA B 253 -10.89 -2.87 3.58
CA ALA B 253 -9.81 -3.80 3.27
C ALA B 253 -9.88 -4.97 4.22
N LEU B 254 -10.00 -6.17 3.67
CA LEU B 254 -10.30 -7.33 4.49
C LEU B 254 -9.31 -8.44 4.20
N ASP B 255 -8.50 -8.78 5.19
CA ASP B 255 -7.62 -9.92 5.06
C ASP B 255 -8.23 -11.20 5.62
N VAL B 256 -9.19 -11.13 6.53
CA VAL B 256 -9.78 -12.35 7.03
C VAL B 256 -11.30 -12.22 6.91
N PHE B 257 -11.97 -13.36 7.11
CA PHE B 257 -13.38 -13.55 6.81
C PHE B 257 -13.99 -14.54 7.78
N THR B 258 -15.30 -14.40 8.00
CA THR B 258 -15.91 -15.31 8.97
C THR B 258 -15.74 -16.75 8.50
N GLU B 259 -16.13 -17.07 7.25
CA GLU B 259 -15.87 -18.37 6.66
C GLU B 259 -14.59 -18.28 5.84
N GLU B 260 -13.54 -19.02 6.24
CA GLU B 260 -12.20 -18.64 5.74
C GLU B 260 -12.02 -18.63 4.23
N PRO B 261 -12.13 -19.71 3.47
CA PRO B 261 -12.48 -19.52 2.04
C PRO B 261 -13.91 -19.05 1.94
N PRO B 262 -14.13 -17.74 1.79
CA PRO B 262 -15.48 -17.20 2.00
C PRO B 262 -16.34 -17.57 0.81
N ARG B 263 -17.36 -18.32 1.10
CA ARG B 263 -18.28 -18.65 0.05
C ARG B 263 -19.35 -17.59 -0.10
N ASP B 264 -19.61 -16.87 0.96
CA ASP B 264 -20.20 -15.57 0.79
C ASP B 264 -19.31 -14.74 -0.13
N ARG B 265 -19.90 -14.16 -1.16
CA ARG B 265 -19.11 -13.48 -2.17
C ARG B 265 -19.56 -12.05 -2.40
N ALA B 266 -20.37 -11.49 -1.51
CA ALA B 266 -20.90 -10.13 -1.70
C ALA B 266 -19.84 -9.07 -1.43
N LEU B 267 -19.03 -9.28 -0.40
CA LEU B 267 -18.07 -8.24 -0.01
C LEU B 267 -16.96 -8.10 -1.06
N VAL B 268 -16.27 -9.21 -1.37
CA VAL B 268 -15.11 -9.15 -2.27
C VAL B 268 -15.52 -8.67 -3.64
N ASP B 269 -16.76 -8.94 -4.05
CA ASP B 269 -17.17 -8.52 -5.37
C ASP B 269 -17.47 -7.03 -5.39
N HIS B 270 -17.52 -6.40 -4.23
CA HIS B 270 -17.92 -5.00 -4.14
C HIS B 270 -16.78 -4.13 -4.63
N GLU B 271 -17.17 -3.03 -5.29
CA GLU B 271 -16.24 -2.11 -5.91
C GLU B 271 -15.27 -1.50 -4.90
N ASN B 272 -15.75 -1.19 -3.70
CA ASN B 272 -14.96 -0.47 -2.71
C ASN B 272 -14.26 -1.39 -1.74
N VAL B 273 -14.09 -2.65 -2.10
CA VAL B 273 -13.52 -3.62 -1.17
C VAL B 273 -12.28 -4.23 -1.79
N ILE B 274 -11.24 -4.34 -0.96
CA ILE B 274 -9.96 -4.91 -1.36
C ILE B 274 -9.64 -6.07 -0.44
N SER B 275 -8.90 -7.04 -0.96
CA SER B 275 -9.00 -8.41 -0.50
C SER B 275 -7.61 -9.00 -0.33
N CYS B 276 -7.55 -10.13 0.36
CA CYS B 276 -6.38 -11.00 0.37
C CYS B 276 -6.60 -12.33 1.08
N PRO B 277 -6.02 -13.42 0.57
CA PRO B 277 -6.19 -14.74 1.23
C PRO B 277 -5.28 -14.94 2.44
N HIS B 278 -5.58 -14.24 3.54
CA HIS B 278 -4.96 -14.50 4.84
C HIS B 278 -3.44 -14.56 4.73
N LEU B 279 -2.93 -13.64 3.99
CA LEU B 279 -1.53 -13.39 3.82
C LEU B 279 -0.94 -12.66 5.03
N GLY B 280 -1.72 -12.56 6.11
CA GLY B 280 -1.29 -11.86 7.31
C GLY B 280 0.09 -12.25 7.80
N ALA B 281 0.40 -13.55 7.79
CA ALA B 281 1.68 -14.03 8.31
C ALA B 281 2.56 -14.55 7.18
N SER B 282 2.09 -14.29 5.96
CA SER B 282 2.69 -14.79 4.73
C SER B 282 3.95 -14.18 4.14
N THR B 283 5.06 -14.25 4.88
CA THR B 283 6.31 -13.78 4.32
C THR B 283 7.35 -14.88 4.52
N LYS B 284 8.32 -14.96 3.60
CA LYS B 284 9.32 -16.02 3.76
C LYS B 284 10.00 -15.82 5.10
N GLU B 285 10.18 -14.56 5.46
CA GLU B 285 10.53 -14.02 6.75
C GLU B 285 9.71 -14.51 7.94
N ALA B 286 8.40 -14.20 7.96
CA ALA B 286 7.62 -14.48 9.15
C ALA B 286 7.55 -15.97 9.42
N GLN B 287 7.35 -16.77 8.36
CA GLN B 287 7.27 -18.22 8.56
C GLN B 287 8.62 -18.77 9.01
N SER B 288 9.72 -18.27 8.43
CA SER B 288 11.02 -18.55 9.01
C SER B 288 11.01 -18.42 10.54
N ARG B 289 10.75 -17.22 11.07
CA ARG B 289 10.91 -17.04 12.52
C ARG B 289 9.84 -17.69 13.38
N CYS B 290 8.64 -17.96 12.86
CA CYS B 290 7.71 -18.67 13.73
C CYS B 290 7.99 -20.17 13.70
N GLY B 291 8.48 -20.71 12.58
CA GLY B 291 8.92 -22.07 12.58
C GLY B 291 10.06 -22.27 13.57
N GLU B 292 11.00 -21.34 13.61
CA GLU B 292 12.05 -21.44 14.62
C GLU B 292 11.49 -21.37 16.03
N GLU B 293 10.66 -20.38 16.32
CA GLU B 293 10.30 -20.19 17.72
C GLU B 293 9.40 -21.33 18.20
N ILE B 294 8.54 -21.88 17.34
CA ILE B 294 7.80 -23.08 17.71
C ILE B 294 8.76 -24.25 17.91
N ALA B 295 9.68 -24.45 16.97
CA ALA B 295 10.56 -25.61 17.03
C ALA B 295 11.74 -25.42 17.96
N VAL B 296 11.76 -24.36 18.78
CA VAL B 296 12.62 -24.29 19.95
C VAL B 296 11.82 -24.36 21.25
N GLN B 297 10.67 -23.68 21.34
CA GLN B 297 9.89 -23.85 22.57
C GLN B 297 9.21 -25.21 22.63
N PHE B 298 9.27 -25.98 21.55
CA PHE B 298 8.93 -27.40 21.48
C PHE B 298 10.11 -28.32 21.81
N VAL B 299 11.26 -28.07 21.20
CA VAL B 299 12.36 -29.02 21.32
C VAL B 299 13.13 -28.69 22.59
N ASP B 300 12.60 -27.83 23.47
CA ASP B 300 13.40 -27.83 24.67
C ASP B 300 12.55 -27.79 25.96
N MET B 301 11.36 -28.41 26.02
CA MET B 301 10.71 -28.76 27.29
C MET B 301 10.38 -30.24 27.24
N VAL B 302 10.66 -30.95 28.33
CA VAL B 302 10.47 -32.40 28.42
C VAL B 302 11.23 -33.11 27.27
C18 HMT C . 13.38 19.30 -4.64
O3 HMT C . 12.95 19.77 -5.90
C2 HMT C . 12.44 18.80 -6.79
C1 HMT C . 11.08 18.83 -7.41
C9 HMT C . 10.64 17.41 -7.68
C12 HMT C . 10.41 17.10 -9.17
C11 HMT C . 9.32 16.02 -9.32
C10 HMT C . 9.03 15.52 -7.89
N1 HMT C . 9.56 16.63 -7.03
C8 HMT C . 9.54 16.77 -5.60
C7 HMT C . 10.94 16.55 -5.07
C6 HMT C . 11.64 15.37 -5.70
C16 HMT C . 11.79 14.06 -4.87
C15 HMT C . 12.51 12.82 -5.50
O2 HMT C . 12.78 11.50 -4.98
C17 HMT C . 13.07 10.74 -6.08
O1 HMT C . 13.60 11.73 -7.16
C14 HMT C . 13.07 12.88 -6.88
C13 HMT C . 12.90 14.21 -7.71
C5 HMT C . 12.19 15.43 -7.08
C4 HMT C . 12.04 16.70 -7.89
C3 HMT C . 13.19 17.66 -7.45
O4 HMT C . 14.12 16.96 -6.64
C19 HMT C . 15.56 16.94 -6.97
O5 HMT C . 16.39 17.38 -6.23
C20 HMT C . 16.05 16.37 -8.29
C21 HMT C . 17.55 16.13 -8.41
C22 HMT C . 17.81 14.74 -9.09
O8 HMT C . 17.09 13.83 -8.84
O7 HMT C . 18.91 14.54 -10.00
C23 HMT C . 18.75 13.73 -11.14
O6 HMT C . 15.40 15.13 -8.41
C24 HMT C . 15.70 17.42 -9.35
C25 HMT C . 16.52 18.72 -9.04
C26 HMT C . 15.62 19.85 -8.44
C27 HMT C . 15.07 20.73 -9.61
C28 HMT C . 13.69 20.16 -10.07
C29 HMT C . 14.93 22.21 -9.10
O9 HMT C . 15.97 20.68 -10.70
C18 HMT D . 0.23 -8.99 22.50
O3 HMT D . -0.46 -10.18 22.22
C2 HMT D . -1.48 -10.06 21.26
C1 HMT D . -1.56 -10.93 20.04
C9 HMT D . -2.36 -10.22 18.98
C12 HMT D . -3.69 -10.78 18.44
C11 HMT D . -3.81 -10.50 16.93
C10 HMT D . -2.73 -9.46 16.64
N1 HMT D . -1.76 -9.65 17.78
C8 HMT D . -0.43 -9.24 18.12
C7 HMT D . -0.57 -8.07 19.06
C6 HMT D . -1.86 -7.27 18.89
C16 HMT D . -1.84 -5.85 18.31
C15 HMT D . -3.19 -5.06 18.13
O2 HMT D . -3.53 -3.76 17.64
C17 HMT D . -4.70 -3.47 18.27
O1 HMT D . -5.45 -4.82 18.29
C14 HMT D . -4.50 -5.66 18.54
C13 HMT D . -4.51 -7.10 19.14
C5 HMT D . -3.18 -7.87 19.29
C4 HMT D . -3.24 -9.26 19.85
C3 HMT D . -2.76 -9.27 21.35
O4 HMT D . -2.61 -7.97 21.89
C19 HMT D . -3.36 -7.51 23.08
O5 HMT D . -2.80 -7.05 24.05
C20 HMT D . -4.90 -7.61 23.15
C21 HMT D . -5.60 -6.75 24.21
C22 HMT D . -6.98 -6.44 23.54
O8 HMT D . -6.99 -6.01 22.45
O7 HMT D . -8.25 -6.65 24.12
C23 HMT D . -9.33 -6.37 23.25
O6 HMT D . -5.43 -7.23 21.90
C24 HMT D . -5.26 -9.07 23.47
C25 HMT D . -4.45 -9.66 24.70
C26 HMT D . -3.28 -10.61 24.24
C27 HMT D . -3.75 -12.04 23.81
C28 HMT D . -3.58 -12.29 22.28
C29 HMT D . -2.87 -13.07 24.57
O9 HMT D . -5.12 -12.28 24.10
#